data_6Z3X
#
_entry.id   6Z3X
#
_cell.length_a   40.718
_cell.length_b   52.411
_cell.length_c   99.176
_cell.angle_alpha   90.000
_cell.angle_beta   90.000
_cell.angle_gamma   90.000
#
_symmetry.space_group_name_H-M   'P 21 21 21'
#
loop_
_entity.id
_entity.type
_entity.pdbx_description
1 polymer DesAb-anti-HSA-P1
2 non-polymer 'CACODYLATE ION'
3 non-polymer IMIDAZOLE
4 non-polymer 'SODIUM ION'
5 water water
#
_entity_poly.entity_id   1
_entity_poly.type   'polypeptide(L)'
_entity_poly.pdbx_seq_one_letter_code
;MEVQLEESGGGLVQPGGSLRLSCAASGFNIKDTYIGWVRQAPGKGEEWVASIYPTSGYTRYADSVKGRFTISADTSKNTA
YLQMNSLRAEDTAVYYCAAGSIQKSLQTAESILEEFDYWGQGTLVTVSSDHHHHHHH
;
_entity_poly.pdbx_strand_id   A,B
#
loop_
_chem_comp.id
_chem_comp.type
_chem_comp.name
_chem_comp.formula
CAC non-polymer 'CACODYLATE ION' 'C2 H6 As O2 -1'
IMD non-polymer IMIDAZOLE 'C3 H5 N2 1'
NA non-polymer 'SODIUM ION' 'Na 1'
#
# COMPACT_ATOMS: atom_id res chain seq x y z
N GLU A 2 -12.48 15.14 12.29
CA GLU A 2 -13.00 15.97 11.16
C GLU A 2 -11.81 16.37 10.25
N VAL A 3 -10.62 15.90 10.58
CA VAL A 3 -9.44 16.19 9.72
C VAL A 3 -9.05 14.91 8.99
N GLN A 4 -8.76 15.03 7.70
CA GLN A 4 -8.36 13.85 6.95
C GLN A 4 -7.24 14.22 6.01
N LEU A 5 -6.33 13.27 5.81
CA LEU A 5 -5.32 13.34 4.77
C LEU A 5 -5.52 12.11 3.90
N GLU A 6 -5.68 12.30 2.59
CA GLU A 6 -5.96 11.20 1.68
C GLU A 6 -4.93 11.15 0.56
N GLU A 7 -4.10 10.11 0.56
CA GLU A 7 -3.04 9.95 -0.45
C GLU A 7 -3.56 9.18 -1.65
N SER A 8 -2.95 9.45 -2.81
CA SER A 8 -3.25 8.63 -3.99
C SER A 8 -2.07 8.69 -4.94
N GLY A 9 -2.13 7.83 -5.96
CA GLY A 9 -1.11 7.79 -6.98
C GLY A 9 -0.16 6.62 -6.90
N GLY A 10 -0.26 5.81 -5.85
CA GLY A 10 0.63 4.69 -5.70
C GLY A 10 0.37 3.63 -6.76
N GLY A 11 1.31 2.71 -6.88
CA GLY A 11 1.17 1.64 -7.84
C GLY A 11 2.53 1.07 -8.22
N LEU A 12 2.52 0.31 -9.31
CA LEU A 12 3.71 -0.41 -9.76
C LEU A 12 4.49 0.44 -10.77
N VAL A 13 5.80 0.57 -10.57
CA VAL A 13 6.64 1.39 -11.50
C VAL A 13 7.93 0.63 -11.84
N GLN A 14 8.35 0.66 -13.11
CA GLN A 14 9.58 -0.04 -13.51
C GLN A 14 10.77 0.75 -12.99
N PRO A 15 11.94 0.14 -12.78
CA PRO A 15 13.13 0.87 -12.34
C PRO A 15 13.47 2.00 -13.33
N GLY A 16 13.86 3.14 -12.79
CA GLY A 16 14.11 4.32 -13.58
C GLY A 16 12.88 5.15 -13.88
N GLY A 17 11.68 4.65 -13.57
CA GLY A 17 10.46 5.35 -13.89
C GLY A 17 10.17 6.50 -12.93
N SER A 18 9.05 7.17 -13.19
CA SER A 18 8.63 8.34 -12.43
C SER A 18 7.20 8.16 -11.93
N LEU A 19 6.87 8.86 -10.85
CA LEU A 19 5.57 8.76 -10.22
C LEU A 19 5.26 10.05 -9.46
N ARG A 20 4.00 10.48 -9.50
CA ARG A 20 3.56 11.65 -8.74
C ARG A 20 2.47 11.21 -7.76
N LEU A 21 2.70 11.42 -6.46
CA LEU A 21 1.71 11.14 -5.43
C LEU A 21 1.00 12.43 -5.05
N SER A 22 -0.28 12.32 -4.69
CA SER A 22 -1.03 13.46 -4.20
CA SER A 22 -1.05 13.45 -4.20
C SER A 22 -1.51 13.19 -2.77
N CYS A 23 -1.70 14.28 -2.03
CA CYS A 23 -2.22 14.20 -0.67
C CYS A 23 -3.28 15.28 -0.55
N ALA A 24 -4.54 14.88 -0.48
CA ALA A 24 -5.64 15.83 -0.39
C ALA A 24 -6.00 16.00 1.08
N ALA A 25 -5.97 17.24 1.56
CA ALA A 25 -6.24 17.52 2.96
C ALA A 25 -7.67 18.03 3.09
N SER A 26 -8.32 17.68 4.20
CA SER A 26 -9.64 18.18 4.50
C SER A 26 -9.73 18.53 5.98
N GLY A 27 -10.56 19.53 6.28
CA GLY A 27 -10.78 19.97 7.64
C GLY A 27 -9.84 21.05 8.13
N PHE A 28 -8.84 21.41 7.33
CA PHE A 28 -7.92 22.48 7.70
C PHE A 28 -7.34 23.03 6.40
N ASN A 29 -6.75 24.22 6.51
CA ASN A 29 -6.11 24.89 5.37
C ASN A 29 -4.63 24.53 5.35
N ILE A 30 -4.15 23.92 4.25
CA ILE A 30 -2.75 23.52 4.28
C ILE A 30 -1.81 24.71 4.40
N LYS A 31 -2.25 25.92 4.02
CA LYS A 31 -1.42 27.11 4.25
C LYS A 31 -1.13 27.36 5.73
N ASP A 32 -1.91 26.77 6.62
CA ASP A 32 -1.71 26.91 8.05
C ASP A 32 -0.78 25.86 8.62
N THR A 33 -0.14 25.05 7.77
CA THR A 33 0.62 23.94 8.30
C THR A 33 1.89 23.77 7.49
N TYR A 34 2.67 22.79 7.90
CA TYR A 34 3.63 22.13 7.02
C TYR A 34 3.04 20.77 6.71
N ILE A 35 3.24 20.33 5.47
CA ILE A 35 2.82 19.01 5.03
C ILE A 35 4.10 18.26 4.71
N GLY A 36 4.16 16.99 5.13
CA GLY A 36 5.34 16.20 4.93
C GLY A 36 4.99 14.86 4.31
N TRP A 37 6.00 14.25 3.69
CA TRP A 37 5.89 12.88 3.20
C TRP A 37 6.86 12.00 3.98
N VAL A 38 6.36 10.85 4.43
CA VAL A 38 7.15 9.87 5.17
C VAL A 38 6.89 8.51 4.52
N ARG A 39 7.95 7.73 4.33
CA ARG A 39 7.80 6.41 3.72
C ARG A 39 8.29 5.33 4.67
N GLN A 40 7.72 4.13 4.51
CA GLN A 40 8.15 3.00 5.32
C GLN A 40 7.99 1.75 4.48
N ALA A 41 9.13 1.12 4.25
N ALA A 41 9.03 0.99 4.33
CA ALA A 41 9.32 0.05 3.29
CA ALA A 41 8.74 -0.24 3.61
C ALA A 41 8.92 -1.27 3.93
C ALA A 41 8.18 -1.29 4.56
N PRO A 42 8.84 -2.34 3.15
N PRO A 42 7.37 -2.24 4.06
CA PRO A 42 8.47 -3.65 3.73
CA PRO A 42 7.07 -3.43 4.84
C PRO A 42 9.38 -4.03 4.90
C PRO A 42 8.35 -4.02 5.41
N GLY A 43 8.76 -4.30 6.04
N GLY A 43 8.35 -4.25 6.72
CA GLY A 43 9.49 -4.77 7.22
CA GLY A 43 9.51 -4.81 7.38
C GLY A 43 10.61 -3.85 7.67
C GLY A 43 10.65 -3.85 7.65
N LYS A 44 10.45 -2.55 7.45
CA LYS A 44 11.53 -1.59 7.67
C LYS A 44 10.99 -0.38 8.42
N GLY A 45 11.91 0.51 8.82
CA GLY A 45 11.53 1.67 9.62
C GLY A 45 11.14 2.88 8.77
N GLU A 46 10.52 3.84 9.44
CA GLU A 46 10.03 5.06 8.80
C GLU A 46 11.18 5.94 8.36
N GLU A 47 10.99 6.65 7.26
CA GLU A 47 11.99 7.62 6.77
C GLU A 47 11.28 8.88 6.28
N TRP A 48 11.46 10.01 6.94
CA TRP A 48 10.93 11.27 6.41
C TRP A 48 11.68 11.62 5.14
N VAL A 49 10.97 12.09 4.12
CA VAL A 49 11.58 12.40 2.83
C VAL A 49 11.50 13.88 2.47
N ALA A 50 10.37 14.54 2.76
CA ALA A 50 10.22 15.95 2.37
C ALA A 50 9.10 16.63 3.13
N SER A 51 9.24 17.95 3.31
CA SER A 51 8.18 18.78 3.86
C SER A 51 8.06 20.08 3.08
N ILE A 52 6.87 20.66 3.10
CA ILE A 52 6.64 21.95 2.45
C ILE A 52 5.77 22.81 3.39
N TYR A 53 6.04 24.11 3.42
CA TYR A 53 5.17 25.12 4.03
C TYR A 53 4.43 25.80 2.89
N PRO A 54 3.19 25.41 2.60
CA PRO A 54 2.56 25.89 1.36
C PRO A 54 2.40 27.40 1.29
N THR A 55 2.21 28.09 2.42
CA THR A 55 1.98 29.53 2.34
C THR A 55 3.23 30.29 1.91
N SER A 56 4.42 29.76 2.25
CA SER A 56 5.68 30.40 1.91
C SER A 56 6.43 29.72 0.78
N GLY A 57 6.07 28.48 0.44
CA GLY A 57 6.80 27.71 -0.54
C GLY A 57 8.09 27.08 -0.05
N TYR A 58 8.48 27.30 1.21
CA TYR A 58 9.71 26.72 1.73
C TYR A 58 9.63 25.20 1.75
N THR A 59 10.65 24.54 1.19
CA THR A 59 10.70 23.09 1.13
C THR A 59 11.94 22.57 1.84
N ARG A 60 11.83 21.33 2.35
CA ARG A 60 12.92 20.62 3.06
C ARG A 60 12.95 19.17 2.56
N TYR A 61 14.14 18.66 2.24
CA TYR A 61 14.30 17.30 1.73
C TYR A 61 15.30 16.52 2.56
N ALA A 62 15.03 15.22 2.72
CA ALA A 62 16.06 14.31 3.19
C ALA A 62 17.20 14.25 2.19
N ASP A 63 18.44 14.21 2.69
CA ASP A 63 19.61 14.11 1.81
C ASP A 63 19.47 12.98 0.81
N SER A 64 18.76 11.90 1.19
CA SER A 64 18.72 10.70 0.37
C SER A 64 17.90 10.89 -0.90
N VAL A 65 17.06 11.92 -0.97
CA VAL A 65 16.20 12.16 -2.13
C VAL A 65 16.45 13.50 -2.81
N LYS A 66 17.40 14.30 -2.31
CA LYS A 66 17.64 15.63 -2.88
C LYS A 66 17.90 15.56 -4.38
N GLY A 67 17.18 16.41 -5.11
CA GLY A 67 17.27 16.47 -6.56
C GLY A 67 16.33 15.51 -7.26
N ARG A 68 16.19 14.31 -6.69
CA ARG A 68 15.40 13.25 -7.29
C ARG A 68 13.90 13.38 -6.99
N PHE A 69 13.55 13.85 -5.79
CA PHE A 69 12.15 14.05 -5.39
C PHE A 69 11.86 15.55 -5.34
N THR A 70 10.62 15.92 -5.68
CA THR A 70 10.16 17.31 -5.59
C THR A 70 8.82 17.37 -4.86
N ILE A 71 8.73 18.17 -3.79
CA ILE A 71 7.45 18.34 -3.10
C ILE A 71 6.85 19.69 -3.49
N SER A 72 5.54 19.70 -3.71
CA SER A 72 4.84 20.90 -4.16
C SER A 72 3.44 20.89 -3.57
N ALA A 73 2.72 22.01 -3.75
CA ALA A 73 1.36 22.08 -3.26
C ALA A 73 0.51 22.93 -4.19
N ASP A 74 -0.78 22.62 -4.22
CA ASP A 74 -1.79 23.40 -4.90
C ASP A 74 -2.79 23.81 -3.82
N THR A 75 -2.62 25.02 -3.31
CA THR A 75 -3.47 25.49 -2.22
C THR A 75 -4.92 25.65 -2.67
N SER A 76 -5.15 25.88 -3.97
CA SER A 76 -6.53 25.94 -4.48
C SER A 76 -7.25 24.60 -4.32
N LYS A 77 -6.51 23.50 -4.32
CA LYS A 77 -7.09 22.18 -4.12
C LYS A 77 -6.80 21.64 -2.72
N ASN A 78 -6.13 22.42 -1.87
CA ASN A 78 -5.74 21.98 -0.54
C ASN A 78 -5.00 20.64 -0.60
N THR A 79 -4.08 20.51 -1.57
CA THR A 79 -3.45 19.24 -1.90
C THR A 79 -1.95 19.45 -2.03
N ALA A 80 -1.18 18.51 -1.49
CA ALA A 80 0.26 18.46 -1.64
C ALA A 80 0.63 17.31 -2.58
N TYR A 81 1.82 17.41 -3.19
CA TYR A 81 2.25 16.43 -4.17
C TYR A 81 3.69 16.02 -3.91
N LEU A 82 4.04 14.80 -4.33
CA LEU A 82 5.41 14.34 -4.31
C LEU A 82 5.73 13.76 -5.69
N GLN A 83 6.62 14.43 -6.42
CA GLN A 83 7.11 13.93 -7.70
C GLN A 83 8.38 13.12 -7.45
N MET A 84 8.40 11.87 -7.90
CA MET A 84 9.51 10.97 -7.63
C MET A 84 10.08 10.52 -8.96
N ASN A 85 11.36 10.82 -9.21
CA ASN A 85 12.02 10.47 -10.47
C ASN A 85 13.05 9.39 -10.24
N SER A 86 13.45 8.72 -11.32
CA SER A 86 14.49 7.69 -11.30
C SER A 86 14.30 6.73 -10.14
N LEU A 87 13.10 6.15 -10.05
CA LEU A 87 12.78 5.26 -8.95
C LEU A 87 13.61 3.98 -8.99
N ARG A 88 14.03 3.52 -7.82
CA ARG A 88 14.82 2.30 -7.66
C ARG A 88 14.06 1.34 -6.75
N ALA A 89 14.51 0.08 -6.74
CA ALA A 89 13.88 -0.93 -5.88
C ALA A 89 13.81 -0.47 -4.43
N GLU A 90 14.85 0.24 -3.97
CA GLU A 90 14.91 0.70 -2.59
C GLU A 90 13.89 1.80 -2.27
N ASP A 91 13.19 2.33 -3.27
CA ASP A 91 12.12 3.28 -3.02
C ASP A 91 10.78 2.61 -2.76
N THR A 92 10.70 1.29 -2.91
CA THR A 92 9.46 0.56 -2.61
C THR A 92 9.07 0.78 -1.16
N ALA A 93 7.83 1.22 -0.94
CA ALA A 93 7.40 1.58 0.41
C ALA A 93 5.95 2.03 0.37
N VAL A 94 5.34 2.07 1.54
CA VAL A 94 4.11 2.86 1.72
C VAL A 94 4.54 4.30 1.96
N TYR A 95 3.95 5.23 1.24
CA TYR A 95 4.24 6.65 1.39
C TYR A 95 3.05 7.29 2.09
N TYR A 96 3.31 7.87 3.25
CA TYR A 96 2.32 8.56 4.06
C TYR A 96 2.52 10.07 3.95
N CYS A 97 1.43 10.81 3.76
N CYS A 97 1.40 10.76 3.81
CA CYS A 97 1.50 12.25 3.93
CA CYS A 97 1.34 12.20 3.97
C CYS A 97 0.99 12.60 5.33
C CYS A 97 1.03 12.53 5.42
N ALA A 98 1.65 13.59 5.94
CA ALA A 98 1.39 13.98 7.32
C ALA A 98 1.44 15.50 7.41
N ALA A 99 0.83 16.05 8.46
CA ALA A 99 0.74 17.50 8.59
C ALA A 99 0.82 17.94 10.04
N GLY A 100 1.27 19.18 10.24
CA GLY A 100 1.34 19.76 11.56
C GLY A 100 1.15 21.26 11.54
N SER A 101 0.45 21.77 12.55
CA SER A 101 0.19 23.24 12.64
C SER A 101 1.52 23.98 12.77
N ILE A 102 1.66 25.06 12.01
CA ILE A 102 2.85 25.97 12.10
C ILE A 102 2.81 26.62 13.49
N SER A 111 11.48 17.45 9.60
CA SER A 111 12.45 16.32 9.56
C SER A 111 12.09 15.29 10.63
N ILE A 112 11.28 15.69 11.62
CA ILE A 112 10.86 14.78 12.73
C ILE A 112 9.42 14.32 12.46
N LEU A 113 9.14 13.04 12.72
CA LEU A 113 7.78 12.48 12.50
C LEU A 113 6.96 12.60 13.78
N GLU A 114 7.58 13.12 14.85
CA GLU A 114 6.88 13.30 16.15
C GLU A 114 6.35 14.73 16.25
N GLU A 115 6.46 15.50 15.16
CA GLU A 115 5.98 16.91 15.13
C GLU A 115 4.77 17.02 14.19
N PHE A 116 4.24 15.87 13.75
CA PHE A 116 3.09 15.86 12.86
C PHE A 116 1.87 15.52 13.69
N ASP A 117 0.79 16.26 13.45
CA ASP A 117 -0.46 16.04 14.17
C ASP A 117 -1.40 15.11 13.43
N TYR A 118 -1.39 15.16 12.10
CA TYR A 118 -2.30 14.42 11.25
C TYR A 118 -1.52 13.50 10.34
N TRP A 119 -2.09 12.32 10.07
CA TRP A 119 -1.45 11.31 9.23
C TRP A 119 -2.46 10.76 8.24
N GLY A 120 -2.00 10.52 7.01
CA GLY A 120 -2.85 9.93 5.99
C GLY A 120 -2.94 8.42 6.13
N GLN A 121 -3.54 7.80 5.13
CA GLN A 121 -3.73 6.36 5.12
C GLN A 121 -2.59 5.62 4.44
N GLY A 122 -1.73 6.35 3.74
CA GLY A 122 -0.67 5.69 3.00
C GLY A 122 -1.09 5.35 1.60
N THR A 123 -0.11 5.38 0.69
CA THR A 123 -0.31 4.86 -0.66
C THR A 123 0.93 4.05 -1.03
N LEU A 124 0.71 2.85 -1.53
CA LEU A 124 1.78 1.89 -1.78
C LEU A 124 2.45 2.13 -3.12
N VAL A 125 3.78 2.27 -3.10
CA VAL A 125 4.58 2.40 -4.32
C VAL A 125 5.46 1.17 -4.42
N THR A 126 5.36 0.47 -5.55
CA THR A 126 6.16 -0.73 -5.75
C THR A 126 7.04 -0.56 -6.98
N VAL A 127 8.35 -0.63 -6.77
CA VAL A 127 9.30 -0.57 -7.88
C VAL A 127 9.74 -2.00 -8.19
N SER A 128 9.46 -2.45 -9.41
CA SER A 128 9.86 -3.78 -9.87
C SER A 128 11.31 -4.11 -9.53
N MET B 1 4.89 -14.11 -22.92
CA MET B 1 4.19 -13.33 -21.93
C MET B 1 4.71 -13.69 -20.55
N GLU B 2 5.05 -12.69 -19.76
CA GLU B 2 5.52 -12.94 -18.40
C GLU B 2 4.39 -13.47 -17.52
N VAL B 3 4.79 -14.12 -16.44
CA VAL B 3 3.85 -14.51 -15.41
C VAL B 3 3.65 -13.27 -14.53
N GLN B 4 2.41 -12.92 -14.26
CA GLN B 4 2.13 -11.76 -13.44
C GLN B 4 0.89 -12.02 -12.59
N LEU B 5 0.91 -11.46 -11.38
CA LEU B 5 -0.22 -11.43 -10.48
C LEU B 5 -0.51 -9.98 -10.13
N GLU B 6 -1.76 -9.55 -10.31
CA GLU B 6 -2.13 -8.14 -10.04
C GLU B 6 -3.24 -8.08 -9.00
N GLU B 7 -2.95 -7.47 -7.84
CA GLU B 7 -3.93 -7.33 -6.77
C GLU B 7 -4.69 -6.02 -6.92
N SER B 8 -5.94 -6.03 -6.45
CA SER B 8 -6.72 -4.81 -6.35
C SER B 8 -7.75 -4.97 -5.24
N GLY B 9 -8.38 -3.84 -4.89
CA GLY B 9 -9.37 -3.78 -3.84
C GLY B 9 -8.89 -3.13 -2.56
N GLY B 10 -7.60 -2.80 -2.46
CA GLY B 10 -7.11 -2.18 -1.24
C GLY B 10 -7.65 -0.77 -1.06
N GLY B 11 -7.50 -0.26 0.14
CA GLY B 11 -7.98 1.08 0.44
C GLY B 11 -8.30 1.22 1.91
N LEU B 12 -9.02 2.28 2.23
CA LEU B 12 -9.33 2.60 3.61
C LEU B 12 -10.67 1.98 4.01
N VAL B 13 -10.68 1.29 5.15
CA VAL B 13 -11.88 0.58 5.61
C VAL B 13 -12.18 0.97 7.05
N GLN B 14 -13.50 0.99 7.39
CA GLN B 14 -13.73 1.33 8.79
C GLN B 14 -13.61 0.09 9.67
N PRO B 15 -13.22 0.28 10.93
CA PRO B 15 -13.15 -0.87 11.85
C PRO B 15 -14.48 -1.59 11.92
N GLY B 16 -14.42 -2.93 11.99
CA GLY B 16 -15.60 -3.79 11.97
C GLY B 16 -16.13 -4.04 10.59
N GLY B 17 -15.60 -3.32 9.59
CA GLY B 17 -16.06 -3.44 8.23
C GLY B 17 -15.47 -4.68 7.58
N SER B 18 -15.84 -4.85 6.31
CA SER B 18 -15.34 -5.99 5.55
C SER B 18 -14.90 -5.53 4.16
N LEU B 19 -14.04 -6.31 3.54
CA LEU B 19 -13.45 -5.90 2.26
C LEU B 19 -13.11 -7.14 1.45
N ARG B 20 -13.22 -7.04 0.14
CA ARG B 20 -12.87 -8.16 -0.75
C ARG B 20 -11.72 -7.73 -1.67
N LEU B 21 -10.62 -8.44 -1.60
CA LEU B 21 -9.50 -8.19 -2.50
C LEU B 21 -9.56 -9.18 -3.66
N SER B 22 -9.04 -8.77 -4.81
CA SER B 22 -8.96 -9.62 -5.99
CA SER B 22 -8.96 -9.64 -5.98
C SER B 22 -7.52 -9.77 -6.43
N CYS B 23 -7.22 -10.88 -7.09
CA CYS B 23 -5.88 -11.15 -7.63
C CYS B 23 -6.06 -11.74 -9.01
N ALA B 24 -5.72 -10.95 -10.05
CA ALA B 24 -5.87 -11.41 -11.42
C ALA B 24 -4.55 -11.96 -11.92
N ALA B 25 -4.57 -13.18 -12.44
CA ALA B 25 -3.35 -13.82 -12.91
C ALA B 25 -3.21 -13.73 -14.42
N SER B 26 -1.97 -13.61 -14.90
CA SER B 26 -1.70 -13.66 -16.32
C SER B 26 -0.41 -14.42 -16.57
N GLY B 27 -0.32 -15.05 -17.74
CA GLY B 27 0.87 -15.79 -18.11
C GLY B 27 0.85 -17.24 -17.68
N PHE B 28 -0.16 -17.66 -16.92
CA PHE B 28 -0.36 -19.04 -16.50
C PHE B 28 -1.83 -19.20 -16.13
N ASN B 29 -2.25 -20.45 -15.92
CA ASN B 29 -3.62 -20.76 -15.51
CA ASN B 29 -3.61 -20.75 -15.50
C ASN B 29 -3.60 -21.11 -14.02
N ILE B 30 -4.41 -20.40 -13.24
CA ILE B 30 -4.40 -20.66 -11.80
C ILE B 30 -4.88 -22.06 -11.47
N LYS B 31 -5.63 -22.71 -12.38
CA LYS B 31 -6.00 -24.11 -12.14
C LYS B 31 -4.79 -25.02 -12.05
N ASP B 32 -3.63 -24.59 -12.57
CA ASP B 32 -2.43 -25.43 -12.56
C ASP B 32 -1.63 -25.31 -11.28
N THR B 33 -2.08 -24.54 -10.30
CA THR B 33 -1.27 -24.37 -9.12
C THR B 33 -2.19 -24.06 -7.93
N TYR B 34 -1.58 -23.63 -6.83
CA TYR B 34 -2.30 -23.00 -5.74
C TYR B 34 -1.99 -21.51 -5.72
N ILE B 35 -2.97 -20.72 -5.30
CA ILE B 35 -2.84 -19.27 -5.12
C ILE B 35 -2.97 -18.95 -3.63
N GLY B 36 -2.10 -18.06 -3.14
CA GLY B 36 -2.08 -17.73 -1.74
C GLY B 36 -2.09 -16.21 -1.52
N TRP B 37 -2.47 -15.84 -0.30
CA TRP B 37 -2.37 -14.45 0.15
C TRP B 37 -1.41 -14.35 1.33
N VAL B 38 -0.55 -13.34 1.29
CA VAL B 38 0.43 -13.06 2.35
C VAL B 38 0.31 -11.58 2.67
N ARG B 39 0.36 -11.22 3.96
CA ARG B 39 0.27 -9.83 4.35
C ARG B 39 1.49 -9.40 5.14
N GLN B 40 1.83 -8.11 5.02
CA GLN B 40 2.95 -7.57 5.78
C GLN B 40 2.67 -6.09 6.04
N ALA B 41 2.73 -5.72 7.24
CA ALA B 41 2.55 -4.31 7.54
C ALA B 41 3.89 -3.59 7.49
N PRO B 42 3.90 -2.29 7.15
CA PRO B 42 5.12 -1.51 7.30
C PRO B 42 5.71 -1.72 8.69
N GLY B 43 7.02 -1.95 8.73
CA GLY B 43 7.72 -2.15 9.98
C GLY B 43 7.59 -3.52 10.61
N LYS B 44 6.82 -4.44 10.02
CA LYS B 44 6.60 -5.76 10.62
C LYS B 44 6.88 -6.85 9.60
N GLY B 45 6.85 -8.12 10.09
CA GLY B 45 7.18 -9.26 9.26
C GLY B 45 5.99 -9.81 8.49
N GLU B 46 6.29 -10.66 7.52
CA GLU B 46 5.28 -11.25 6.64
C GLU B 46 4.46 -12.31 7.37
N GLU B 47 3.23 -12.45 6.97
CA GLU B 47 2.35 -13.49 7.51
C GLU B 47 1.55 -14.10 6.36
N TRP B 48 1.72 -15.40 6.14
CA TRP B 48 0.84 -16.09 5.20
C TRP B 48 -0.58 -16.13 5.80
N VAL B 49 -1.58 -15.92 4.94
CA VAL B 49 -2.97 -15.79 5.39
C VAL B 49 -3.82 -16.97 4.92
N ALA B 50 -3.73 -17.34 3.64
CA ALA B 50 -4.60 -18.40 3.12
C ALA B 50 -4.07 -18.84 1.76
N SER B 51 -4.36 -20.09 1.39
CA SER B 51 -4.11 -20.62 0.06
C SER B 51 -5.31 -21.42 -0.44
N ILE B 52 -5.45 -21.47 -1.77
CA ILE B 52 -6.52 -22.24 -2.40
C ILE B 52 -5.98 -22.93 -3.65
N TYR B 53 -6.48 -24.14 -3.91
CA TYR B 53 -6.29 -24.82 -5.18
C TYR B 53 -7.54 -24.54 -6.01
N PRO B 54 -7.48 -23.64 -6.99
CA PRO B 54 -8.72 -23.21 -7.65
C PRO B 54 -9.49 -24.34 -8.32
N THR B 55 -8.82 -25.38 -8.82
CA THR B 55 -9.57 -26.41 -9.55
C THR B 55 -10.47 -27.22 -8.62
N SER B 56 -10.06 -27.42 -7.37
CA SER B 56 -10.83 -28.20 -6.39
C SER B 56 -11.51 -27.35 -5.33
N GLY B 57 -11.11 -26.10 -5.17
CA GLY B 57 -11.65 -25.32 -4.07
C GLY B 57 -11.02 -25.65 -2.72
N TYR B 58 -10.06 -26.56 -2.67
CA TYR B 58 -9.42 -26.91 -1.41
C TYR B 58 -8.70 -25.71 -0.84
N THR B 59 -8.99 -25.38 0.41
CA THR B 59 -8.40 -24.19 1.02
C THR B 59 -7.65 -24.57 2.28
N ARG B 60 -6.66 -23.74 2.60
CA ARG B 60 -5.90 -23.83 3.85
C ARG B 60 -5.81 -22.40 4.40
N TYR B 61 -5.97 -22.26 5.70
CA TYR B 61 -5.96 -20.96 6.34
C TYR B 61 -4.93 -20.95 7.47
N ALA B 62 -4.31 -19.79 7.66
CA ALA B 62 -3.55 -19.57 8.88
C ALA B 62 -4.50 -19.62 10.06
N ASP B 63 -4.03 -20.23 11.17
CA ASP B 63 -4.85 -20.30 12.38
C ASP B 63 -5.38 -18.92 12.75
N SER B 64 -4.64 -17.86 12.43
CA SER B 64 -4.98 -16.53 12.91
C SER B 64 -6.21 -15.93 12.25
N VAL B 65 -6.61 -16.42 11.07
CA VAL B 65 -7.72 -15.84 10.33
C VAL B 65 -8.84 -16.82 10.08
N LYS B 66 -8.68 -18.08 10.47
CA LYS B 66 -9.68 -19.10 10.15
C LYS B 66 -11.05 -18.66 10.67
N GLY B 67 -12.06 -18.72 9.80
CA GLY B 67 -13.39 -18.25 10.13
C GLY B 67 -13.69 -16.80 9.80
N ARG B 68 -12.70 -15.92 9.99
CA ARG B 68 -12.85 -14.50 9.73
C ARG B 68 -12.58 -14.12 8.27
N PHE B 69 -11.61 -14.75 7.64
CA PHE B 69 -11.24 -14.51 6.24
C PHE B 69 -11.68 -15.70 5.40
N THR B 70 -12.07 -15.44 4.15
CA THR B 70 -12.45 -16.49 3.21
C THR B 70 -11.69 -16.27 1.90
N ILE B 71 -10.99 -17.31 1.43
CA ILE B 71 -10.30 -17.25 0.14
C ILE B 71 -11.14 -18.02 -0.88
N SER B 72 -11.21 -17.50 -2.10
CA SER B 72 -12.01 -18.13 -3.15
C SER B 72 -11.33 -17.86 -4.49
N ALA B 73 -11.86 -18.48 -5.54
CA ALA B 73 -11.30 -18.28 -6.87
C ALA B 73 -12.40 -18.39 -7.91
N ASP B 74 -12.17 -17.77 -9.06
CA ASP B 74 -13.00 -17.94 -10.25
C ASP B 74 -12.06 -18.28 -11.42
N THR B 75 -11.95 -19.56 -11.76
CA THR B 75 -11.06 -19.95 -12.86
C THR B 75 -11.50 -19.37 -14.19
N SER B 76 -12.80 -19.09 -14.35
CA SER B 76 -13.29 -18.46 -15.58
C SER B 76 -12.71 -17.05 -15.79
N LYS B 77 -12.29 -16.38 -14.73
CA LYS B 77 -11.63 -15.08 -14.81
C LYS B 77 -10.15 -15.15 -14.48
N ASN B 78 -9.62 -16.36 -14.20
CA ASN B 78 -8.22 -16.54 -13.80
C ASN B 78 -7.87 -15.63 -12.62
N THR B 79 -8.78 -15.59 -11.65
CA THR B 79 -8.72 -14.60 -10.58
C THR B 79 -9.01 -15.27 -9.25
N ALA B 80 -8.23 -14.90 -8.22
CA ALA B 80 -8.50 -15.32 -6.86
C ALA B 80 -8.94 -14.14 -6.02
N TYR B 81 -9.59 -14.46 -4.88
CA TYR B 81 -10.17 -13.43 -4.03
C TYR B 81 -9.84 -13.70 -2.56
N LEU B 82 -9.86 -12.63 -1.78
CA LEU B 82 -9.75 -12.71 -0.32
C LEU B 82 -10.84 -11.84 0.27
N GLN B 83 -11.80 -12.48 0.93
CA GLN B 83 -12.85 -11.80 1.67
C GLN B 83 -12.42 -11.68 3.13
N MET B 84 -12.42 -10.45 3.65
CA MET B 84 -11.94 -10.17 5.00
C MET B 84 -13.11 -9.56 5.77
N ASN B 85 -13.49 -10.17 6.88
CA ASN B 85 -14.62 -9.69 7.68
C ASN B 85 -14.15 -9.19 9.04
N SER B 86 -15.01 -8.39 9.70
CA SER B 86 -14.74 -7.87 11.03
C SER B 86 -13.34 -7.30 11.13
N LEU B 87 -13.01 -6.39 10.22
CA LEU B 87 -11.66 -5.86 10.14
C LEU B 87 -11.30 -5.04 11.38
N ARG B 88 -10.07 -5.23 11.86
CA ARG B 88 -9.55 -4.49 12.99
C ARG B 88 -8.23 -3.81 12.63
N ALA B 89 -7.76 -2.92 13.54
CA ALA B 89 -6.53 -2.18 13.30
C ALA B 89 -5.36 -3.10 12.95
N GLU B 90 -5.29 -4.28 13.56
CA GLU B 90 -4.20 -5.23 13.34
C GLU B 90 -4.22 -5.83 11.93
N ASP B 91 -5.28 -5.62 11.16
CA ASP B 91 -5.32 -6.10 9.78
C ASP B 91 -4.72 -5.11 8.79
N THR B 92 -4.37 -3.91 9.22
CA THR B 92 -3.70 -2.96 8.34
C THR B 92 -2.38 -3.55 7.86
N ALA B 93 -2.18 -3.59 6.54
CA ALA B 93 -1.03 -4.26 5.95
C ALA B 93 -1.08 -4.17 4.43
N VAL B 94 0.07 -4.46 3.80
CA VAL B 94 0.07 -4.74 2.37
C VAL B 94 -0.29 -6.20 2.18
N TYR B 95 -1.24 -6.46 1.30
CA TYR B 95 -1.68 -7.81 0.99
C TYR B 95 -1.16 -8.18 -0.38
N TYR B 96 -0.33 -9.23 -0.41
CA TYR B 96 0.24 -9.76 -1.64
C TYR B 96 -0.45 -11.07 -2.01
N CYS B 97 -0.79 -11.24 -3.28
N CYS B 97 -0.74 -11.20 -3.29
CA CYS B 97 -1.15 -12.57 -3.73
CA CYS B 97 -1.09 -12.46 -3.89
C CYS B 97 0.05 -13.20 -4.42
C CYS B 97 0.18 -13.20 -4.31
N ALA B 98 0.12 -14.53 -4.33
CA ALA B 98 1.29 -15.29 -4.74
C ALA B 98 0.82 -16.64 -5.27
N ALA B 99 1.64 -17.24 -6.12
CA ALA B 99 1.25 -18.55 -6.69
C ALA B 99 2.44 -19.50 -6.61
N GLY B 100 2.16 -20.78 -6.42
CA GLY B 100 3.22 -21.79 -6.40
C GLY B 100 3.65 -22.03 -7.83
N SER B 101 4.86 -22.53 -8.04
CA SER B 101 5.21 -22.84 -9.45
C SER B 101 4.36 -24.01 -9.99
N ILE B 102 4.14 -24.00 -11.30
CA ILE B 102 3.39 -25.10 -11.99
C ILE B 102 4.33 -26.30 -12.15
N LEU B 113 2.14 -25.25 1.03
CA LEU B 113 1.22 -24.18 0.54
C LEU B 113 1.71 -22.83 1.09
N GLU B 114 2.82 -22.82 1.83
CA GLU B 114 3.38 -21.58 2.40
C GLU B 114 4.56 -21.11 1.55
N GLU B 115 4.95 -21.92 0.56
CA GLU B 115 6.10 -21.58 -0.33
C GLU B 115 5.55 -21.10 -1.68
N PHE B 116 5.96 -19.90 -2.11
CA PHE B 116 5.52 -19.32 -3.37
C PHE B 116 6.64 -18.99 -4.33
N ASP B 117 6.38 -19.22 -5.62
CA ASP B 117 7.33 -18.88 -6.67
C ASP B 117 7.04 -17.56 -7.39
N TYR B 118 5.77 -17.18 -7.54
CA TYR B 118 5.37 -15.95 -8.22
C TYR B 118 4.69 -15.03 -7.23
N TRP B 119 4.90 -13.72 -7.39
CA TRP B 119 4.40 -12.74 -6.45
C TRP B 119 3.81 -11.54 -7.17
N GLY B 120 2.69 -11.03 -6.64
CA GLY B 120 2.09 -9.81 -7.14
C GLY B 120 2.79 -8.58 -6.58
N GLN B 121 2.15 -7.43 -6.79
CA GLN B 121 2.71 -6.14 -6.36
C GLN B 121 2.21 -5.70 -4.99
N GLY B 122 1.19 -6.34 -4.47
CA GLY B 122 0.63 -5.89 -3.21
C GLY B 122 -0.48 -4.87 -3.40
N THR B 123 -1.42 -4.88 -2.46
CA THR B 123 -2.42 -3.84 -2.38
C THR B 123 -2.57 -3.47 -0.90
N LEU B 124 -2.55 -2.17 -0.63
CA LEU B 124 -2.52 -1.68 0.75
C LEU B 124 -3.93 -1.63 1.32
N VAL B 125 -4.12 -2.25 2.48
CA VAL B 125 -5.37 -2.16 3.24
C VAL B 125 -5.10 -1.43 4.55
N THR B 126 -5.86 -0.37 4.78
CA THR B 126 -5.71 0.46 5.98
C THR B 126 -7.04 0.51 6.72
N VAL B 127 -7.03 0.06 7.95
CA VAL B 127 -8.25 0.11 8.78
C VAL B 127 -8.20 1.44 9.53
N SER B 128 -9.25 2.24 9.39
CA SER B 128 -9.34 3.57 10.03
C SER B 128 -9.25 3.48 11.54
N SER B 129 -8.76 4.56 12.12
CA SER B 129 -8.85 4.77 13.58
C SER B 129 -8.87 6.28 13.78
N ASP B 130 -7.86 6.81 14.45
CA ASP B 130 -7.74 8.28 14.58
C ASP B 130 -6.25 8.65 14.55
N HIS B 131 -5.95 9.92 14.76
CA HIS B 131 -4.53 10.36 14.76
C HIS B 131 -3.92 10.13 16.14
AS CAC C . 18.17 19.05 5.58
O1 CAC C . 19.26 19.76 6.74
O2 CAC C . 18.44 19.76 4.02
C1 CAC C . 16.32 19.37 6.15
C2 CAC C . 18.49 17.11 5.48
AS CAC D . -5.84 6.77 9.80
O1 CAC D . -4.89 8.04 10.49
O2 CAC D . -5.06 5.23 10.07
C1 CAC D . -7.62 6.76 10.65
C2 CAC D . -6.04 7.07 7.87
AS CAC E . -3.60 -15.79 -19.78
O1 CAC E . -2.03 -15.17 -20.21
O2 CAC E . -3.48 -16.68 -18.29
C1 CAC E . -4.85 -14.30 -19.55
C2 CAC E . -4.24 -16.99 -21.20
AS CAC F . -15.01 -22.09 -10.88
O1 CAC F . -13.59 -21.31 -10.27
O2 CAC F . -16.26 -22.11 -9.66
C1 CAC F . -15.67 -21.12 -12.46
C2 CAC F . -14.58 -23.94 -11.39
N1 IMD G . 6.61 -10.33 -0.88
C2 IMD G . 7.64 -11.12 -0.66
N3 IMD G . 8.28 -11.28 -1.80
C4 IMD G . 7.75 -10.43 -2.70
C5 IMD G . 6.71 -9.83 -2.14
AS CAC H . -15.58 -24.97 -6.63
O1 CAC H . -15.79 -23.27 -6.83
O2 CAC H . -14.27 -25.46 -7.65
C1 CAC H . -15.29 -25.29 -4.72
C2 CAC H . -17.20 -25.81 -7.29
AS CAC I . -14.04 -22.15 2.88
O1 CAC I . -12.65 -21.37 2.18
O2 CAC I . -13.70 -22.60 4.52
C1 CAC I . -15.57 -20.92 2.85
C2 CAC I . -14.47 -23.76 1.84
NA NA J . -16.18 -19.56 -9.15
#